data_4XEF
#
_entry.id   4XEF
#
_cell.length_a   27.482
_cell.length_b   78.094
_cell.length_c   165.418
_cell.angle_alpha   90.00
_cell.angle_beta   90.00
_cell.angle_gamma   90.00
#
_symmetry.space_group_name_H-M   'P 21 21 21'
#
loop_
_entity.id
_entity.type
_entity.pdbx_description
1 polymer 'Protein-tyrosine kinase 2-beta'
2 polymer '20-mer peptide containing LD1 motif of leupaxin'
3 water water
#
loop_
_entity_poly.entity_id
_entity_poly.type
_entity_poly.pdbx_seq_one_letter_code
_entity_poly.pdbx_strand_id
1 'polypeptide(L)'
;GSHMANLDRTDDLVYLNVMELVRAVLELKNELSQLPPEGYVVVVKNVGLTLRKLIGSVDDLLPSLPSSSRTEIEGTQKLL
NKDLAELINKMRLAQQNAVTSLSEEAKRQMLTASHTLAVDAKNLLDAVDQAKVLANLAH
;
A,D
2 'polypeptide(L)' MEELDALLEELERSTLQDSD B,C,E,F
#
# COMPACT_ATOMS: atom_id res chain seq x y z
N MET A 4 16.62 31.22 25.45
CA MET A 4 15.90 30.06 24.92
C MET A 4 14.71 30.52 24.09
N ALA A 5 14.64 30.03 22.86
CA ALA A 5 13.58 30.45 21.96
C ALA A 5 12.91 29.27 21.28
N ASN A 6 11.69 28.97 21.69
CA ASN A 6 10.90 27.92 21.08
C ASN A 6 10.30 28.39 19.78
N LEU A 7 9.99 27.45 18.90
CA LEU A 7 9.36 27.77 17.63
C LEU A 7 7.86 27.65 17.70
N ASP A 8 7.16 28.45 16.91
CA ASP A 8 5.71 28.34 16.76
C ASP A 8 5.39 27.04 16.05
N ARG A 9 4.57 26.20 16.65
CA ARG A 9 4.31 24.92 16.02
C ARG A 9 2.87 24.82 15.51
N THR A 10 2.19 25.95 15.43
CA THR A 10 0.80 25.99 14.99
C THR A 10 0.55 25.17 13.74
N ASP A 11 1.25 25.49 12.65
CA ASP A 11 1.13 24.71 11.43
C ASP A 11 2.41 23.95 11.07
N ASP A 12 3.15 23.47 12.09
CA ASP A 12 4.39 22.76 11.89
C ASP A 12 4.05 21.30 11.75
N LEU A 13 3.89 20.86 10.51
CA LEU A 13 3.50 19.48 10.23
C LEU A 13 4.57 18.46 10.59
N VAL A 14 5.84 18.84 10.48
CA VAL A 14 6.89 17.94 10.86
C VAL A 14 6.81 17.67 12.36
N TYR A 15 6.70 18.74 13.13
CA TYR A 15 6.50 18.63 14.57
C TYR A 15 5.32 17.73 14.94
N LEU A 16 4.21 17.94 14.24
CA LEU A 16 3.01 17.17 14.49
C LEU A 16 3.22 15.70 14.18
N ASN A 17 3.97 15.43 13.13
CA ASN A 17 4.15 14.04 12.73
C ASN A 17 5.10 13.31 13.69
N VAL A 18 6.09 14.02 14.18
CA VAL A 18 7.00 13.46 15.16
C VAL A 18 6.18 13.07 16.38
N MET A 19 5.27 13.95 16.79
CA MET A 19 4.44 13.63 17.95
C MET A 19 3.60 12.39 17.73
N GLU A 20 2.94 12.33 16.58
CA GLU A 20 2.18 11.14 16.22
C GLU A 20 3.05 9.89 16.27
N LEU A 21 4.29 10.00 15.82
CA LEU A 21 5.19 8.87 15.76
C LEU A 21 5.53 8.45 17.20
N VAL A 22 5.88 9.43 18.01
CA VAL A 22 6.17 9.13 19.41
C VAL A 22 4.96 8.48 20.08
N ARG A 23 3.78 9.03 19.90
CA ARG A 23 2.59 8.44 20.50
C ARG A 23 2.44 6.99 20.07
N ALA A 24 2.80 6.71 18.83
CA ALA A 24 2.68 5.35 18.33
C ALA A 24 3.68 4.42 19.03
N VAL A 25 4.91 4.89 19.28
CA VAL A 25 5.86 4.08 20.02
C VAL A 25 5.39 3.86 21.47
N LEU A 26 4.90 4.91 22.12
CA LEU A 26 4.36 4.80 23.48
C LEU A 26 3.25 3.75 23.55
N GLU A 27 2.43 3.70 22.50
CA GLU A 27 1.39 2.70 22.43
C GLU A 27 1.99 1.32 22.35
N LEU A 28 2.87 1.11 21.38
CA LEU A 28 3.59 -0.17 21.24
C LEU A 28 4.18 -0.56 22.58
N LYS A 29 4.74 0.42 23.28
CA LYS A 29 5.44 0.18 24.53
C LYS A 29 4.51 -0.33 25.63
N ASN A 30 3.33 0.26 25.72
CA ASN A 30 2.43 0.04 26.85
C ASN A 30 1.59 -1.21 26.68
N GLU A 31 1.49 -1.67 25.44
CA GLU A 31 0.65 -2.82 25.18
C GLU A 31 1.38 -4.06 24.65
N LEU A 32 2.72 -4.04 24.65
CA LEU A 32 3.46 -5.19 24.15
C LEU A 32 3.20 -6.40 25.04
N SER A 33 2.75 -6.16 26.26
CA SER A 33 2.43 -7.20 27.22
C SER A 33 1.13 -7.95 26.89
N GLN A 34 0.07 -7.22 26.63
CA GLN A 34 -1.24 -7.83 26.37
C GLN A 34 -1.46 -8.15 24.88
N LEU A 35 -0.40 -8.58 24.20
CA LEU A 35 -0.51 -8.90 22.77
C LEU A 35 0.01 -10.28 22.37
N PRO A 36 -0.78 -11.00 21.58
CA PRO A 36 -0.44 -12.31 21.02
C PRO A 36 0.54 -12.15 19.87
N PRO A 37 1.19 -13.24 19.43
CA PRO A 37 2.14 -13.18 18.31
C PRO A 37 1.57 -12.58 17.01
N GLU A 38 0.26 -12.39 16.95
CA GLU A 38 -0.39 -11.85 15.75
C GLU A 38 -0.49 -10.34 15.86
N GLY A 39 -0.66 -9.86 17.09
CA GLY A 39 -0.73 -8.44 17.35
C GLY A 39 0.59 -7.72 17.20
N TYR A 40 1.67 -8.48 16.99
CA TYR A 40 2.98 -7.86 16.81
C TYR A 40 3.03 -6.99 15.56
N VAL A 41 2.59 -7.55 14.44
CA VAL A 41 2.67 -6.84 13.17
C VAL A 41 1.81 -5.58 13.16
N VAL A 42 0.74 -5.61 13.93
CA VAL A 42 -0.16 -4.47 14.02
C VAL A 42 0.54 -3.22 14.55
N VAL A 43 1.09 -3.31 15.76
CA VAL A 43 1.73 -2.16 16.39
C VAL A 43 2.96 -1.65 15.62
N VAL A 44 3.68 -2.56 14.97
CA VAL A 44 4.87 -2.20 14.20
C VAL A 44 4.44 -1.48 12.94
N LYS A 45 3.35 -1.96 12.35
CA LYS A 45 2.81 -1.35 11.15
C LYS A 45 2.39 0.07 11.45
N ASN A 46 1.70 0.26 12.57
CA ASN A 46 1.25 1.60 12.96
C ASN A 46 2.45 2.57 13.03
N VAL A 47 3.51 2.15 13.72
CA VAL A 47 4.77 2.89 13.76
C VAL A 47 5.34 3.14 12.36
N GLY A 48 5.32 2.12 11.51
CA GLY A 48 5.76 2.28 10.14
C GLY A 48 4.96 3.34 9.39
N LEU A 49 3.65 3.25 9.47
CA LEU A 49 2.77 4.21 8.80
C LEU A 49 2.97 5.66 9.28
N THR A 50 3.19 5.84 10.58
CA THR A 50 3.36 7.21 11.05
C THR A 50 4.76 7.71 10.68
N LEU A 51 5.72 6.80 10.60
CA LEU A 51 7.05 7.17 10.13
C LEU A 51 6.99 7.67 8.69
N ARG A 52 6.33 6.91 7.83
CA ARG A 52 6.17 7.32 6.43
C ARG A 52 5.53 8.71 6.26
N LYS A 53 4.51 8.96 7.07
CA LYS A 53 3.85 10.24 7.08
C LYS A 53 4.86 11.33 7.49
N LEU A 54 5.65 11.06 8.52
CA LEU A 54 6.64 12.03 8.96
C LEU A 54 7.67 12.37 7.87
N ILE A 55 8.26 11.32 7.31
CA ILE A 55 9.26 11.47 6.26
C ILE A 55 8.71 12.21 5.04
N GLY A 56 7.45 11.96 4.70
CA GLY A 56 6.85 12.63 3.58
C GLY A 56 6.72 14.12 3.81
N SER A 57 6.43 14.50 5.06
CA SER A 57 6.24 15.90 5.42
C SER A 57 7.58 16.63 5.39
N VAL A 58 8.63 15.91 5.76
CA VAL A 58 9.98 16.44 5.65
C VAL A 58 10.36 16.65 4.17
N ASP A 59 10.06 15.68 3.31
CA ASP A 59 10.37 15.82 1.89
C ASP A 59 9.69 17.01 1.21
N ASP A 60 8.45 17.30 1.59
CA ASP A 60 7.79 18.49 1.11
C ASP A 60 8.54 19.76 1.49
N LEU A 61 9.15 19.71 2.65
CA LEU A 61 9.80 20.87 3.24
C LEU A 61 11.14 21.12 2.61
N LEU A 62 11.94 20.06 2.48
CA LEU A 62 13.34 20.12 2.01
C LEU A 62 13.70 21.11 0.91
N PRO A 63 12.86 21.23 -0.15
CA PRO A 63 13.22 22.19 -1.21
C PRO A 63 13.22 23.67 -0.85
N SER A 64 12.55 24.05 0.24
CA SER A 64 12.48 25.47 0.59
C SER A 64 13.64 25.94 1.46
N LEU A 65 14.23 25.02 2.24
CA LEU A 65 15.38 25.37 3.08
C LEU A 65 16.68 25.27 2.28
N PRO A 66 17.73 25.99 2.71
CA PRO A 66 18.99 26.06 1.95
C PRO A 66 19.60 24.69 1.72
N SER A 67 20.36 24.59 0.62
CA SER A 67 20.78 23.30 0.10
C SER A 67 21.77 22.58 0.99
N SER A 68 22.38 23.31 1.92
CA SER A 68 23.42 22.73 2.79
C SER A 68 22.85 21.97 3.99
N SER A 69 21.61 22.29 4.38
CA SER A 69 20.93 21.57 5.47
C SER A 69 20.43 20.22 4.99
N ARG A 70 20.32 20.05 3.68
CA ARG A 70 19.80 18.80 3.15
C ARG A 70 20.69 17.60 3.47
N THR A 71 22.00 17.80 3.55
CA THR A 71 22.92 16.71 3.89
C THR A 71 22.60 16.06 5.25
N GLU A 72 22.62 16.89 6.29
CA GLU A 72 22.39 16.41 7.66
C GLU A 72 21.00 15.80 7.79
N ILE A 73 20.01 16.47 7.21
CA ILE A 73 18.63 16.03 7.30
C ILE A 73 18.36 14.71 6.56
N GLU A 74 18.91 14.54 5.37
CA GLU A 74 18.83 13.26 4.71
C GLU A 74 19.59 12.22 5.50
N GLY A 75 20.56 12.66 6.27
CA GLY A 75 21.29 11.72 7.11
C GLY A 75 20.42 11.15 8.22
N THR A 76 19.66 12.01 8.89
CA THR A 76 18.75 11.54 9.95
C THR A 76 17.61 10.68 9.36
N GLN A 77 17.12 11.02 8.16
CA GLN A 77 16.09 10.19 7.51
C GLN A 77 16.52 8.76 7.28
N LYS A 78 17.74 8.57 6.80
CA LYS A 78 18.25 7.23 6.52
C LYS A 78 18.40 6.48 7.83
N LEU A 79 18.78 7.19 8.89
CA LEU A 79 18.91 6.59 10.23
C LEU A 79 17.57 6.04 10.74
N LEU A 80 16.50 6.76 10.43
CA LEU A 80 15.14 6.28 10.70
C LEU A 80 14.78 4.98 9.93
N ASN A 81 15.19 4.85 8.67
CA ASN A 81 14.93 3.60 7.95
C ASN A 81 15.60 2.42 8.62
N LYS A 82 16.88 2.62 8.94
CA LYS A 82 17.70 1.62 9.60
C LYS A 82 17.09 1.22 10.96
N ASP A 83 16.47 2.18 11.62
CA ASP A 83 15.81 1.91 12.88
C ASP A 83 14.51 1.14 12.70
N LEU A 84 13.78 1.44 11.65
CA LEU A 84 12.56 0.69 11.35
C LEU A 84 12.92 -0.75 10.95
N ALA A 85 13.96 -0.89 10.12
CA ALA A 85 14.38 -2.21 9.64
C ALA A 85 14.75 -3.07 10.84
N GLU A 86 15.43 -2.45 11.80
CA GLU A 86 15.77 -3.11 13.04
C GLU A 86 14.54 -3.50 13.89
N LEU A 87 13.54 -2.62 13.95
CA LEU A 87 12.31 -2.94 14.67
C LEU A 87 11.66 -4.14 14.01
N ILE A 88 11.79 -4.23 12.70
CA ILE A 88 11.18 -5.32 11.98
C ILE A 88 11.89 -6.66 12.26
N ASN A 89 13.23 -6.62 12.33
CA ASN A 89 14.01 -7.80 12.67
C ASN A 89 13.62 -8.34 14.04
N LYS A 90 13.53 -7.43 15.00
CA LYS A 90 13.13 -7.78 16.36
C LYS A 90 11.67 -8.23 16.47
N MET A 91 10.83 -7.77 15.55
CA MET A 91 9.47 -8.29 15.51
C MET A 91 9.51 -9.76 15.07
N ARG A 92 10.31 -10.08 14.07
CA ARG A 92 10.41 -11.44 13.55
C ARG A 92 10.92 -12.39 14.62
N LEU A 93 11.97 -11.99 15.32
CA LEU A 93 12.52 -12.81 16.38
C LEU A 93 11.48 -13.05 17.46
N ALA A 94 10.63 -12.07 17.72
CA ALA A 94 9.63 -12.22 18.76
C ALA A 94 8.54 -13.20 18.34
N GLN A 95 8.24 -13.21 17.04
CA GLN A 95 7.20 -14.08 16.51
C GLN A 95 7.68 -15.53 16.51
N GLN A 96 8.98 -15.71 16.31
CA GLN A 96 9.60 -17.02 16.22
C GLN A 96 9.87 -17.60 17.61
N ASN A 97 9.99 -16.74 18.61
CA ASN A 97 10.24 -17.19 19.97
C ASN A 97 9.02 -16.96 20.82
N ALA A 98 7.85 -17.06 20.20
CA ALA A 98 6.58 -16.79 20.86
C ALA A 98 6.24 -17.78 21.97
N VAL A 99 6.65 -19.03 21.80
CA VAL A 99 6.37 -20.05 22.80
C VAL A 99 7.66 -20.61 23.41
N THR A 100 8.76 -19.90 23.25
CA THR A 100 10.02 -20.32 23.86
C THR A 100 10.32 -19.44 25.06
N SER A 101 11.47 -19.67 25.70
CA SER A 101 11.82 -18.90 26.88
C SER A 101 12.64 -17.65 26.53
N LEU A 102 12.73 -17.34 25.24
CA LEU A 102 13.40 -16.13 24.81
C LEU A 102 12.38 -15.08 24.44
N SER A 103 11.12 -15.36 24.75
CA SER A 103 10.02 -14.45 24.42
C SER A 103 10.19 -13.07 25.06
N GLU A 104 10.58 -13.05 26.32
CA GLU A 104 10.77 -11.80 27.04
C GLU A 104 11.89 -10.97 26.44
N GLU A 105 13.00 -11.65 26.14
CA GLU A 105 14.18 -10.98 25.62
C GLU A 105 13.92 -10.38 24.24
N ALA A 106 13.04 -11.02 23.48
CA ALA A 106 12.69 -10.54 22.16
C ALA A 106 11.80 -9.29 22.25
N LYS A 107 10.78 -9.35 23.09
CA LYS A 107 9.88 -8.22 23.23
C LYS A 107 10.60 -7.05 23.88
N ARG A 108 11.58 -7.36 24.73
CA ARG A 108 12.42 -6.34 25.35
C ARG A 108 13.27 -5.63 24.29
N GLN A 109 13.77 -6.40 23.34
CA GLN A 109 14.53 -5.83 22.23
C GLN A 109 13.64 -5.11 21.23
N MET A 110 12.35 -5.44 21.23
CA MET A 110 11.39 -4.71 20.43
C MET A 110 11.15 -3.33 21.00
N LEU A 111 11.01 -3.25 22.32
CA LEU A 111 10.79 -1.97 23.00
C LEU A 111 11.99 -1.04 22.82
N THR A 112 13.18 -1.63 22.93
CA THR A 112 14.43 -0.90 22.74
C THR A 112 14.57 -0.33 21.33
N ALA A 113 14.33 -1.16 20.33
CA ALA A 113 14.39 -0.72 18.93
C ALA A 113 13.38 0.43 18.61
N SER A 114 12.15 0.30 19.08
CA SER A 114 11.14 1.35 18.90
C SER A 114 11.53 2.59 19.67
N HIS A 115 12.16 2.40 20.81
CA HIS A 115 12.62 3.53 21.61
C HIS A 115 13.62 4.36 20.81
N THR A 116 14.61 3.68 20.23
CA THR A 116 15.65 4.31 19.42
C THR A 116 15.03 5.05 18.23
N LEU A 117 13.98 4.48 17.67
CA LEU A 117 13.27 5.10 16.56
C LEU A 117 12.63 6.42 17.00
N ALA A 118 12.03 6.43 18.17
CA ALA A 118 11.42 7.67 18.67
C ALA A 118 12.47 8.75 18.93
N VAL A 119 13.57 8.36 19.57
CA VAL A 119 14.63 9.31 19.86
C VAL A 119 15.24 9.85 18.57
N ASP A 120 15.40 9.00 17.56
CA ASP A 120 16.01 9.47 16.31
C ASP A 120 15.04 10.30 15.48
N ALA A 121 13.75 10.16 15.77
CA ALA A 121 12.75 11.03 15.17
C ALA A 121 12.91 12.40 15.75
N LYS A 122 13.30 12.46 17.03
CA LYS A 122 13.55 13.75 17.67
C LYS A 122 14.81 14.37 17.08
N ASN A 123 15.81 13.53 16.78
CA ASN A 123 17.03 14.02 16.15
C ASN A 123 16.70 14.68 14.81
N LEU A 124 15.81 14.05 14.04
CA LEU A 124 15.36 14.68 12.78
C LEU A 124 14.73 16.04 13.02
N LEU A 125 13.83 16.12 13.98
CA LEU A 125 13.12 17.37 14.26
C LEU A 125 14.11 18.48 14.60
N ASP A 126 15.14 18.18 15.39
CA ASP A 126 16.13 19.20 15.75
C ASP A 126 16.96 19.66 14.56
N ALA A 127 17.33 18.73 13.70
CA ALA A 127 18.01 19.09 12.46
C ALA A 127 17.13 19.95 11.54
N VAL A 128 15.81 19.72 11.56
CA VAL A 128 14.90 20.49 10.74
C VAL A 128 14.65 21.87 11.35
N ASP A 129 14.50 21.92 12.67
CA ASP A 129 14.34 23.22 13.38
C ASP A 129 15.58 24.08 13.20
N GLN A 130 16.74 23.46 13.35
CA GLN A 130 18.02 24.12 13.17
C GLN A 130 18.17 24.68 11.75
N ALA A 131 17.64 23.98 10.75
CA ALA A 131 17.72 24.47 9.37
C ALA A 131 16.78 25.65 9.13
N LYS A 132 15.55 25.56 9.66
CA LYS A 132 14.58 26.65 9.56
C LYS A 132 15.13 27.94 10.13
N VAL A 133 15.70 27.82 11.33
CA VAL A 133 16.23 28.94 12.08
C VAL A 133 17.53 29.51 11.50
N LEU A 134 18.40 28.66 10.96
CA LEU A 134 19.58 29.16 10.28
C LEU A 134 19.15 30.03 9.11
N ALA A 135 18.24 29.50 8.29
CA ALA A 135 17.78 30.16 7.07
C ALA A 135 17.00 31.41 7.41
N ASN A 136 16.49 31.45 8.64
CA ASN A 136 15.69 32.58 9.11
C ASN A 136 16.52 33.84 9.14
N LEU A 137 17.79 33.70 9.52
CA LEU A 137 18.69 34.85 9.53
C LEU A 137 19.71 34.82 8.39
N ALA A 138 19.31 34.32 7.23
CA ALA A 138 20.22 34.21 6.09
C ALA A 138 20.20 35.45 5.21
N HIS A 139 19.01 35.95 4.92
CA HIS A 139 18.86 37.12 4.06
C HIS A 139 18.26 38.29 4.83
N MET B 1 8.05 23.48 21.27
CA MET B 1 8.12 22.03 21.46
C MET B 1 7.63 21.50 22.82
N GLU B 2 6.81 22.25 23.53
CA GLU B 2 6.43 21.82 24.86
C GLU B 2 5.72 20.46 24.90
N GLU B 3 4.69 20.26 24.07
CA GLU B 3 3.90 19.03 24.14
C GLU B 3 4.73 17.76 23.82
N LEU B 4 5.71 17.89 22.92
CA LEU B 4 6.55 16.78 22.52
C LEU B 4 7.55 16.40 23.61
N ASP B 5 8.13 17.41 24.25
CA ASP B 5 9.06 17.16 25.34
C ASP B 5 8.40 16.37 26.47
N ALA B 6 7.12 16.63 26.69
CA ALA B 6 6.36 15.87 27.69
C ALA B 6 6.12 14.43 27.23
N LEU B 7 5.90 14.22 25.94
CA LEU B 7 5.77 12.87 25.38
C LEU B 7 7.09 12.15 25.46
N LEU B 8 8.19 12.89 25.25
CA LEU B 8 9.54 12.34 25.33
C LEU B 8 9.91 11.99 26.76
N GLU B 9 9.26 12.64 27.73
CA GLU B 9 9.48 12.31 29.14
C GLU B 9 8.70 11.07 29.53
N GLU B 10 7.46 10.98 29.05
CA GLU B 10 6.66 9.79 29.30
C GLU B 10 7.36 8.57 28.73
N LEU B 11 7.99 8.77 27.58
CA LEU B 11 8.75 7.72 26.92
C LEU B 11 9.90 7.25 27.80
N GLU B 12 10.52 8.18 28.52
CA GLU B 12 11.61 7.82 29.43
C GLU B 12 11.10 6.97 30.60
N ARG B 13 9.99 7.39 31.21
CA ARG B 13 9.35 6.66 32.29
C ARG B 13 8.87 5.29 31.87
N SER B 14 8.58 5.11 30.57
CA SER B 14 8.19 3.76 30.06
C SER B 14 9.36 2.82 30.19
N THR B 15 10.55 3.40 30.21
CA THR B 15 11.77 2.64 30.19
C THR B 15 12.22 2.20 31.58
N MET C 1 11.84 7.80 0.64
CA MET C 1 10.54 7.14 0.58
C MET C 1 10.66 5.75 -0.03
N GLU C 2 11.66 5.56 -0.88
CA GLU C 2 11.89 4.30 -1.60
C GLU C 2 12.18 3.09 -0.69
N GLU C 3 13.27 3.17 0.08
CA GLU C 3 13.64 2.11 1.01
C GLU C 3 12.55 1.87 2.06
N LEU C 4 12.01 2.97 2.59
CA LEU C 4 10.93 2.93 3.56
C LEU C 4 9.74 2.13 3.08
N ASP C 5 9.33 2.37 1.84
CA ASP C 5 8.18 1.67 1.27
C ASP C 5 8.48 0.20 1.05
N ALA C 6 9.75 -0.11 0.75
CA ALA C 6 10.18 -1.50 0.58
C ALA C 6 10.02 -2.25 1.90
N LEU C 7 10.27 -1.54 2.99
CA LEU C 7 10.08 -2.08 4.33
C LEU C 7 8.60 -2.26 4.64
N LEU C 8 7.80 -1.25 4.31
CA LEU C 8 6.36 -1.28 4.56
C LEU C 8 5.74 -2.45 3.80
N GLU C 9 6.40 -2.87 2.72
CA GLU C 9 5.98 -4.04 1.94
C GLU C 9 6.36 -5.35 2.61
N GLU C 10 7.66 -5.55 2.87
CA GLU C 10 8.17 -6.72 3.60
C GLU C 10 7.37 -6.97 4.88
N LEU C 11 6.81 -5.89 5.41
CA LEU C 11 5.94 -5.94 6.58
C LEU C 11 4.53 -6.47 6.28
N GLU C 12 4.14 -6.46 5.01
CA GLU C 12 2.82 -6.89 4.57
C GLU C 12 2.82 -8.40 4.34
N ARG C 13 3.98 -8.94 4.00
CA ARG C 13 4.13 -10.39 3.82
C ARG C 13 3.83 -11.11 5.14
N ALA D 5 -6.93 16.16 -2.85
CA ALA D 5 -7.41 16.37 -4.22
C ALA D 5 -8.04 15.12 -4.81
N ASN D 6 -9.24 14.80 -4.33
CA ASN D 6 -9.93 13.63 -4.83
C ASN D 6 -10.61 13.94 -6.14
N LEU D 7 -10.53 12.98 -7.05
CA LEU D 7 -11.16 13.09 -8.35
C LEU D 7 -12.70 12.97 -8.29
N ASP D 8 -13.38 13.72 -9.15
CA ASP D 8 -14.83 13.62 -9.24
C ASP D 8 -15.21 12.41 -10.10
N ARG D 9 -15.72 11.36 -9.45
CA ARG D 9 -16.06 10.11 -10.12
C ARG D 9 -17.47 10.09 -10.69
N THR D 10 -18.15 11.22 -10.59
CA THR D 10 -19.54 11.33 -10.99
C THR D 10 -19.76 10.90 -12.44
N ASP D 11 -19.01 11.48 -13.37
CA ASP D 11 -19.18 11.11 -14.77
C ASP D 11 -18.04 10.24 -15.32
N ASP D 12 -17.32 9.52 -14.45
CA ASP D 12 -16.14 8.76 -14.85
C ASP D 12 -16.48 7.32 -15.23
N LEU D 13 -16.66 7.09 -16.53
CA LEU D 13 -17.03 5.79 -17.08
C LEU D 13 -15.98 4.71 -16.84
N VAL D 14 -14.71 5.10 -16.94
CA VAL D 14 -13.61 4.19 -16.70
C VAL D 14 -13.64 3.70 -15.25
N TYR D 15 -13.79 4.63 -14.31
CA TYR D 15 -13.96 4.29 -12.90
C TYR D 15 -15.15 3.35 -12.68
N LEU D 16 -16.31 3.70 -13.23
CA LEU D 16 -17.50 2.86 -13.11
C LEU D 16 -17.23 1.46 -13.61
N ASN D 17 -16.60 1.37 -14.77
CA ASN D 17 -16.34 0.07 -15.34
C ASN D 17 -15.27 -0.72 -14.57
N VAL D 18 -14.36 -0.04 -13.89
CA VAL D 18 -13.38 -0.76 -13.08
C VAL D 18 -14.10 -1.39 -11.91
N MET D 19 -15.00 -0.62 -11.31
CA MET D 19 -15.80 -1.15 -10.22
C MET D 19 -16.62 -2.36 -10.67
N GLU D 20 -17.21 -2.33 -11.86
CA GLU D 20 -17.99 -3.47 -12.30
C GLU D 20 -17.13 -4.71 -12.49
N LEU D 21 -15.92 -4.53 -12.99
CA LEU D 21 -15.05 -5.68 -13.26
C LEU D 21 -14.63 -6.26 -11.90
N VAL D 22 -14.34 -5.36 -10.97
CA VAL D 22 -14.00 -5.80 -9.64
C VAL D 22 -15.19 -6.50 -9.01
N ARG D 23 -16.41 -6.00 -9.22
CA ARG D 23 -17.57 -6.68 -8.64
C ARG D 23 -17.78 -8.04 -9.34
N ALA D 24 -17.40 -8.15 -10.60
CA ALA D 24 -17.47 -9.43 -11.31
C ALA D 24 -16.42 -10.45 -10.79
N VAL D 25 -15.26 -9.95 -10.36
CA VAL D 25 -14.25 -10.82 -9.79
C VAL D 25 -14.71 -11.31 -8.44
N LEU D 26 -15.33 -10.43 -7.65
CA LEU D 26 -15.83 -10.80 -6.32
C LEU D 26 -16.88 -11.91 -6.43
N GLU D 27 -17.85 -11.68 -7.30
CA GLU D 27 -18.88 -12.67 -7.52
C GLU D 27 -18.27 -14.00 -7.93
N LEU D 28 -17.33 -14.00 -8.86
CA LEU D 28 -16.63 -15.24 -9.22
C LEU D 28 -16.04 -15.92 -7.98
N LYS D 29 -15.38 -15.14 -7.14
CA LYS D 29 -14.79 -15.69 -5.92
C LYS D 29 -15.83 -16.30 -5.00
N ASN D 30 -16.84 -15.52 -4.65
CA ASN D 30 -17.82 -15.92 -3.64
C ASN D 30 -18.76 -17.02 -4.09
N GLU D 31 -18.53 -17.58 -5.27
CA GLU D 31 -19.41 -18.64 -5.74
C GLU D 31 -18.72 -19.71 -6.55
N LEU D 32 -17.40 -19.65 -6.63
CA LEU D 32 -16.65 -20.71 -7.26
C LEU D 32 -16.82 -22.03 -6.50
N SER D 33 -16.83 -21.97 -5.16
CA SER D 33 -16.94 -23.19 -4.36
C SER D 33 -18.24 -23.95 -4.62
N GLN D 34 -19.30 -23.25 -4.98
CA GLN D 34 -20.57 -23.92 -5.21
C GLN D 34 -20.89 -24.26 -6.66
N LEU D 35 -20.23 -23.60 -7.60
CA LEU D 35 -20.56 -23.79 -9.01
C LEU D 35 -20.26 -25.20 -9.48
N PRO D 36 -21.09 -25.74 -10.38
CA PRO D 36 -20.81 -26.99 -11.07
C PRO D 36 -19.83 -26.73 -12.22
N PRO D 37 -19.15 -27.77 -12.72
CA PRO D 37 -18.20 -27.63 -13.82
C PRO D 37 -18.79 -26.95 -15.05
N GLU D 38 -20.11 -26.78 -15.08
CA GLU D 38 -20.77 -26.10 -16.18
C GLU D 38 -20.68 -24.58 -16.05
N GLY D 39 -20.82 -24.09 -14.81
CA GLY D 39 -20.83 -22.67 -14.54
C GLY D 39 -19.47 -22.01 -14.56
N TYR D 40 -18.42 -22.81 -14.79
CA TYR D 40 -17.07 -22.27 -14.85
C TYR D 40 -16.93 -21.24 -15.93
N VAL D 41 -17.42 -21.55 -17.12
CA VAL D 41 -17.27 -20.64 -18.23
C VAL D 41 -18.18 -19.44 -18.07
N VAL D 42 -19.33 -19.64 -17.44
CA VAL D 42 -20.26 -18.55 -17.23
C VAL D 42 -19.61 -17.42 -16.43
N VAL D 43 -19.00 -17.72 -15.28
CA VAL D 43 -18.41 -16.63 -14.49
C VAL D 43 -17.17 -16.03 -15.15
N VAL D 44 -16.43 -16.84 -15.92
CA VAL D 44 -15.25 -16.35 -16.63
C VAL D 44 -15.63 -15.51 -17.86
N LYS D 45 -16.63 -15.98 -18.60
CA LYS D 45 -17.14 -15.26 -19.74
C LYS D 45 -17.69 -13.92 -19.28
N ASN D 46 -18.24 -13.88 -18.06
CA ASN D 46 -18.78 -12.63 -17.53
C ASN D 46 -17.65 -11.66 -17.20
N VAL D 47 -16.58 -12.14 -16.58
CA VAL D 47 -15.39 -11.33 -16.35
C VAL D 47 -14.75 -10.80 -17.66
N GLY D 48 -14.60 -11.64 -18.68
CA GLY D 48 -14.01 -11.15 -19.93
C GLY D 48 -14.86 -10.07 -20.61
N LEU D 49 -16.17 -10.19 -20.54
CA LEU D 49 -17.04 -9.15 -21.10
C LEU D 49 -17.08 -7.84 -20.31
N THR D 50 -16.90 -7.87 -18.99
CA THR D 50 -16.86 -6.59 -18.28
C THR D 50 -15.49 -6.01 -18.54
N LEU D 51 -14.47 -6.87 -18.70
CA LEU D 51 -13.14 -6.40 -19.11
C LEU D 51 -13.19 -5.69 -20.46
N ARG D 52 -13.85 -6.32 -21.43
CA ARG D 52 -13.94 -5.70 -22.76
C ARG D 52 -14.76 -4.41 -22.73
N LYS D 53 -15.77 -4.33 -21.85
CA LYS D 53 -16.51 -3.06 -21.66
C LYS D 53 -15.57 -1.99 -21.16
N LEU D 54 -14.72 -2.35 -20.20
CA LEU D 54 -13.74 -1.42 -19.64
C LEU D 54 -12.78 -0.92 -20.72
N ILE D 55 -12.16 -1.87 -21.40
CA ILE D 55 -11.21 -1.56 -22.45
C ILE D 55 -11.83 -0.61 -23.46
N GLY D 56 -13.08 -0.88 -23.86
CA GLY D 56 -13.81 0.00 -24.75
C GLY D 56 -13.94 1.46 -24.27
N SER D 57 -14.21 1.67 -23.00
CA SER D 57 -14.35 3.03 -22.49
C SER D 57 -12.98 3.71 -22.38
N VAL D 58 -11.94 2.91 -22.19
CA VAL D 58 -10.60 3.49 -22.12
C VAL D 58 -10.18 3.96 -23.53
N ASP D 59 -10.47 3.15 -24.53
CA ASP D 59 -10.11 3.49 -25.91
C ASP D 59 -10.83 4.76 -26.41
N ASP D 60 -12.01 5.04 -25.85
CA ASP D 60 -12.72 6.24 -26.24
C ASP D 60 -11.89 7.47 -25.92
N LEU D 61 -11.13 7.35 -24.83
CA LEU D 61 -10.34 8.45 -24.29
C LEU D 61 -9.04 8.72 -25.03
N LEU D 62 -8.39 7.65 -25.44
CA LEU D 62 -7.03 7.69 -25.99
C LEU D 62 -6.70 8.79 -27.04
N PRO D 63 -7.57 9.02 -28.05
CA PRO D 63 -7.21 10.05 -29.03
C PRO D 63 -7.01 11.45 -28.47
N SER D 64 -7.56 11.73 -27.29
CA SER D 64 -7.40 13.06 -26.75
C SER D 64 -6.27 13.09 -25.70
N LEU D 65 -5.41 12.07 -25.71
CA LEU D 65 -4.22 12.02 -24.86
C LEU D 65 -2.95 11.98 -25.70
N PRO D 66 -1.85 12.57 -25.21
CA PRO D 66 -0.60 12.53 -25.99
C PRO D 66 0.01 11.14 -25.95
N SER D 67 1.01 10.90 -26.80
CA SER D 67 1.60 9.57 -26.98
C SER D 67 2.17 8.95 -25.72
N SER D 68 2.78 9.77 -24.86
CA SER D 68 3.43 9.26 -23.66
C SER D 68 2.42 8.57 -22.77
N SER D 69 1.24 9.17 -22.61
CA SER D 69 0.21 8.59 -21.76
C SER D 69 -0.44 7.39 -22.42
N ARG D 70 -0.72 7.48 -23.72
CA ARG D 70 -1.31 6.34 -24.43
C ARG D 70 -0.46 5.07 -24.33
N THR D 71 0.86 5.23 -24.34
CA THR D 71 1.75 4.07 -24.30
C THR D 71 1.73 3.41 -22.92
N GLU D 72 1.72 4.21 -21.85
CA GLU D 72 1.61 3.68 -20.49
C GLU D 72 0.29 2.96 -20.29
N ILE D 73 -0.79 3.56 -20.79
CA ILE D 73 -2.12 2.98 -20.62
C ILE D 73 -2.21 1.66 -21.41
N GLU D 74 -1.74 1.66 -22.64
CA GLU D 74 -1.67 0.43 -23.43
C GLU D 74 -0.93 -0.66 -22.68
N GLY D 75 0.19 -0.30 -22.05
CA GLY D 75 0.89 -1.24 -21.21
C GLY D 75 0.00 -1.88 -20.15
N THR D 76 -0.84 -1.11 -19.50
CA THR D 76 -1.69 -1.72 -18.47
C THR D 76 -2.78 -2.59 -19.10
N GLN D 77 -3.14 -2.32 -20.36
CA GLN D 77 -4.13 -3.13 -21.06
C GLN D 77 -3.55 -4.49 -21.45
N LYS D 78 -2.27 -4.48 -21.80
CA LYS D 78 -1.60 -5.69 -22.23
C LYS D 78 -1.54 -6.60 -21.01
N LEU D 79 -1.28 -6.00 -19.86
CA LEU D 79 -1.21 -6.75 -18.62
C LEU D 79 -2.58 -7.40 -18.29
N LEU D 80 -3.65 -6.67 -18.55
CA LEU D 80 -4.99 -7.20 -18.32
C LEU D 80 -5.31 -8.41 -19.23
N ASN D 81 -4.81 -8.38 -20.47
CA ASN D 81 -4.98 -9.52 -21.40
C ASN D 81 -4.23 -10.76 -20.93
N LYS D 82 -3.06 -10.54 -20.36
CA LYS D 82 -2.26 -11.65 -19.86
C LYS D 82 -3.00 -12.29 -18.69
N ASP D 83 -3.58 -11.45 -17.84
CA ASP D 83 -4.34 -11.97 -16.70
C ASP D 83 -5.61 -12.71 -17.14
N LEU D 84 -6.27 -12.24 -18.19
CA LEU D 84 -7.46 -12.92 -18.69
C LEU D 84 -7.06 -14.28 -19.27
N ALA D 85 -5.90 -14.33 -19.95
CA ALA D 85 -5.39 -15.60 -20.50
C ALA D 85 -5.07 -16.57 -19.37
N GLU D 86 -4.42 -16.05 -18.35
CA GLU D 86 -4.11 -16.85 -17.20
C GLU D 86 -5.40 -17.43 -16.61
N LEU D 87 -6.38 -16.56 -16.37
CA LEU D 87 -7.67 -17.00 -15.82
C LEU D 87 -8.32 -18.13 -16.62
N ILE D 88 -8.25 -18.05 -17.94
CA ILE D 88 -8.92 -19.02 -18.82
C ILE D 88 -8.25 -20.38 -18.77
N ASN D 89 -6.91 -20.38 -18.66
CA ASN D 89 -6.14 -21.62 -18.54
C ASN D 89 -6.54 -22.34 -17.26
N LYS D 90 -6.55 -21.58 -16.18
CA LYS D 90 -6.85 -22.11 -14.87
C LYS D 90 -8.30 -22.59 -14.83
N MET D 91 -9.15 -22.00 -15.66
CA MET D 91 -10.52 -22.46 -15.83
C MET D 91 -10.50 -23.79 -16.56
N ARG D 92 -9.61 -23.92 -17.53
CA ARG D 92 -9.54 -25.10 -18.37
C ARG D 92 -9.10 -26.30 -17.53
N LEU D 93 -8.03 -26.10 -16.77
CA LEU D 93 -7.52 -27.10 -15.84
C LEU D 93 -8.58 -27.48 -14.82
N ALA D 94 -9.41 -26.53 -14.41
CA ALA D 94 -10.44 -26.79 -13.40
C ALA D 94 -11.59 -27.68 -13.91
N GLN D 95 -11.99 -27.47 -15.15
CA GLN D 95 -13.00 -28.33 -15.79
C GLN D 95 -12.46 -29.75 -16.01
N GLN D 96 -11.18 -29.85 -16.34
CA GLN D 96 -10.56 -31.13 -16.65
C GLN D 96 -10.45 -32.00 -15.39
N ASN D 97 -10.17 -31.35 -14.28
CA ASN D 97 -10.01 -31.99 -13.00
C ASN D 97 -11.24 -31.77 -12.12
N ALA D 98 -12.39 -31.73 -12.75
CA ALA D 98 -13.67 -31.53 -12.06
C ALA D 98 -13.98 -32.66 -11.09
N VAL D 99 -13.59 -33.87 -11.45
CA VAL D 99 -13.88 -35.03 -10.60
C VAL D 99 -12.61 -35.68 -10.04
N THR D 100 -11.46 -35.05 -10.23
CA THR D 100 -10.23 -35.52 -9.63
C THR D 100 -9.97 -34.81 -8.28
N SER D 101 -8.90 -35.21 -7.59
CA SER D 101 -8.56 -34.62 -6.30
C SER D 101 -7.80 -33.30 -6.42
N LEU D 102 -7.38 -32.97 -7.65
CA LEU D 102 -6.71 -31.71 -7.91
C LEU D 102 -7.69 -30.56 -8.21
N SER D 103 -8.94 -30.73 -7.82
CA SER D 103 -9.97 -29.76 -8.10
C SER D 103 -9.90 -28.53 -7.18
N GLU D 104 -9.47 -28.72 -5.94
CA GLU D 104 -9.32 -27.59 -5.03
C GLU D 104 -8.18 -26.67 -5.46
N GLU D 105 -7.06 -27.26 -5.87
CA GLU D 105 -5.92 -26.47 -6.29
C GLU D 105 -6.25 -25.71 -7.57
N ALA D 106 -7.01 -26.38 -8.45
CA ALA D 106 -7.42 -25.80 -9.70
C ALA D 106 -8.28 -24.57 -9.47
N LYS D 107 -9.30 -24.69 -8.62
CA LYS D 107 -10.17 -23.57 -8.33
C LYS D 107 -9.42 -22.49 -7.55
N ARG D 108 -8.49 -22.92 -6.72
CA ARG D 108 -7.68 -21.99 -5.98
C ARG D 108 -6.83 -21.13 -6.93
N GLN D 109 -6.29 -21.74 -7.97
CA GLN D 109 -5.47 -21.02 -8.93
C GLN D 109 -6.30 -20.04 -9.78
N MET D 110 -7.60 -20.33 -9.92
CA MET D 110 -8.56 -19.45 -10.54
C MET D 110 -8.79 -18.22 -9.68
N LEU D 111 -8.99 -18.43 -8.37
CA LEU D 111 -9.20 -17.30 -7.48
C LEU D 111 -8.01 -16.33 -7.51
N THR D 112 -6.83 -16.92 -7.53
CA THR D 112 -5.59 -16.15 -7.62
C THR D 112 -5.49 -15.33 -8.90
N ALA D 113 -5.68 -16.00 -10.03
CA ALA D 113 -5.57 -15.38 -11.32
C ALA D 113 -6.59 -14.24 -11.45
N SER D 114 -7.79 -14.56 -10.99
CA SER D 114 -8.89 -13.64 -11.01
C SER D 114 -8.64 -12.43 -10.09
N HIS D 115 -7.93 -12.66 -8.98
CA HIS D 115 -7.53 -11.58 -8.07
C HIS D 115 -6.52 -10.66 -8.73
N THR D 116 -5.55 -11.25 -9.43
CA THR D 116 -4.54 -10.47 -10.14
C THR D 116 -5.16 -9.56 -11.20
N LEU D 117 -6.12 -10.11 -11.93
CA LEU D 117 -6.80 -9.34 -12.97
C LEU D 117 -7.43 -8.11 -12.33
N ALA D 118 -8.05 -8.30 -11.17
CA ALA D 118 -8.70 -7.21 -10.48
C ALA D 118 -7.69 -6.15 -10.03
N VAL D 119 -6.55 -6.58 -9.50
CA VAL D 119 -5.51 -5.65 -9.04
C VAL D 119 -4.92 -4.91 -10.23
N ASP D 120 -4.83 -5.57 -11.36
CA ASP D 120 -4.30 -4.87 -12.53
C ASP D 120 -5.34 -3.95 -13.20
N ALA D 121 -6.59 -4.12 -12.80
CA ALA D 121 -7.64 -3.22 -13.25
C ALA D 121 -7.43 -1.90 -12.53
N LYS D 122 -7.07 -1.96 -11.24
CA LYS D 122 -6.77 -0.75 -10.48
C LYS D 122 -5.55 -0.06 -11.07
N ASN D 123 -4.57 -0.88 -11.49
CA ASN D 123 -3.35 -0.38 -12.12
C ASN D 123 -3.67 0.45 -13.39
N LEU D 124 -4.54 -0.10 -14.23
CA LEU D 124 -5.02 0.66 -15.37
C LEU D 124 -5.70 1.95 -14.94
N LEU D 125 -6.52 1.88 -13.89
CA LEU D 125 -7.25 3.05 -13.43
C LEU D 125 -6.27 4.12 -13.05
N ASP D 126 -5.18 3.69 -12.41
CA ASP D 126 -4.18 4.63 -11.93
C ASP D 126 -3.51 5.32 -13.09
N ALA D 127 -3.09 4.55 -14.08
CA ALA D 127 -2.48 5.12 -15.29
C ALA D 127 -3.44 6.08 -16.02
N VAL D 128 -4.74 5.79 -16.01
CA VAL D 128 -5.70 6.63 -16.67
C VAL D 128 -5.89 7.90 -15.88
N ASP D 129 -5.96 7.77 -14.55
CA ASP D 129 -6.06 8.96 -13.70
C ASP D 129 -4.85 9.89 -13.88
N GLN D 130 -3.68 9.31 -13.95
CA GLN D 130 -2.49 10.12 -14.09
C GLN D 130 -2.51 10.90 -15.41
N ALA D 131 -2.90 10.23 -16.48
CA ALA D 131 -2.92 10.86 -17.79
C ALA D 131 -3.93 12.02 -17.83
N LYS D 132 -5.10 11.83 -17.23
CA LYS D 132 -6.12 12.87 -17.18
C LYS D 132 -5.66 14.11 -16.40
N VAL D 133 -4.94 13.87 -15.31
CA VAL D 133 -4.39 14.92 -14.49
C VAL D 133 -3.35 15.71 -15.26
N LEU D 134 -2.38 15.02 -15.87
CA LEU D 134 -1.33 15.70 -16.64
C LEU D 134 -1.92 16.55 -17.75
N ALA D 135 -2.93 16.01 -18.42
CA ALA D 135 -3.61 16.71 -19.51
C ALA D 135 -4.32 17.96 -19.02
N ASN D 136 -4.63 17.98 -17.73
CA ASN D 136 -5.33 19.10 -17.11
C ASN D 136 -4.36 20.10 -16.47
N LEU D 137 -3.22 19.62 -15.98
CA LEU D 137 -2.19 20.46 -15.39
C LEU D 137 -1.26 20.91 -16.47
N ALA D 138 -1.77 20.86 -17.70
CA ALA D 138 -1.05 21.30 -18.87
C ALA D 138 -1.88 22.27 -19.69
N MET E 1 -12.08 8.20 -5.48
CA MET E 1 -12.07 6.75 -5.69
C MET E 1 -12.43 5.99 -4.41
N GLU E 2 -13.26 6.59 -3.56
CA GLU E 2 -13.62 5.99 -2.27
C GLU E 2 -14.33 4.65 -2.41
N GLU E 3 -15.44 4.64 -3.14
CA GLU E 3 -16.26 3.43 -3.32
C GLU E 3 -15.46 2.23 -3.86
N LEU E 4 -14.49 2.50 -4.72
CA LEU E 4 -13.67 1.46 -5.30
C LEU E 4 -12.69 0.87 -4.30
N ASP E 5 -12.13 1.72 -3.44
CA ASP E 5 -11.16 1.30 -2.43
C ASP E 5 -11.80 0.30 -1.48
N ALA E 6 -13.11 0.47 -1.29
CA ALA E 6 -13.86 -0.44 -0.43
C ALA E 6 -13.99 -1.82 -1.09
N LEU E 7 -14.20 -1.86 -2.40
CA LEU E 7 -14.27 -3.12 -3.13
C LEU E 7 -12.92 -3.78 -3.13
N LEU E 8 -11.87 -2.97 -3.25
CA LEU E 8 -10.50 -3.44 -3.14
C LEU E 8 -10.26 -4.06 -1.77
N GLU E 9 -10.62 -3.33 -0.72
CA GLU E 9 -10.43 -3.80 0.64
C GLU E 9 -11.23 -5.06 0.90
N GLU E 10 -12.43 -5.13 0.33
CA GLU E 10 -13.30 -6.30 0.47
C GLU E 10 -12.78 -7.50 -0.30
N LEU E 11 -12.09 -7.23 -1.40
CA LEU E 11 -11.51 -8.29 -2.22
C LEU E 11 -10.33 -8.94 -1.49
N GLU E 12 -9.56 -8.08 -0.80
CA GLU E 12 -8.42 -8.52 -0.01
C GLU E 12 -8.88 -9.51 1.04
N ARG E 13 -9.84 -9.10 1.88
CA ARG E 13 -10.40 -9.95 2.93
C ARG E 13 -10.88 -11.29 2.36
N SER E 14 -11.21 -11.31 1.08
CA SER E 14 -11.55 -12.55 0.38
C SER E 14 -10.35 -13.48 0.21
N THR E 15 -9.13 -12.95 0.29
CA THR E 15 -7.92 -13.77 0.20
C THR E 15 -7.78 -14.69 1.41
N GLU F 2 -7.34 -6.63 -30.39
CA GLU F 2 -7.42 -7.90 -31.11
C GLU F 2 -7.20 -9.12 -30.21
N GLU F 3 -6.13 -9.11 -29.43
CA GLU F 3 -5.80 -10.20 -28.50
C GLU F 3 -6.98 -10.47 -27.56
N LEU F 4 -7.58 -9.40 -27.03
CA LEU F 4 -8.70 -9.52 -26.10
C LEU F 4 -9.85 -10.23 -26.78
N ASP F 5 -10.19 -9.76 -27.97
CA ASP F 5 -11.23 -10.34 -28.80
C ASP F 5 -10.92 -11.78 -29.15
N ALA F 6 -9.65 -12.07 -29.41
CA ALA F 6 -9.23 -13.42 -29.70
C ALA F 6 -9.35 -14.33 -28.45
N LEU F 7 -9.10 -13.77 -27.27
CA LEU F 7 -9.33 -14.53 -26.05
C LEU F 7 -10.81 -14.83 -25.88
N LEU F 8 -11.62 -13.78 -25.88
CA LEU F 8 -13.06 -13.98 -25.70
C LEU F 8 -13.64 -14.90 -26.77
N GLU F 9 -13.24 -14.70 -28.03
CA GLU F 9 -13.71 -15.53 -29.15
C GLU F 9 -13.34 -16.99 -28.93
N GLU F 10 -12.06 -17.25 -28.66
CA GLU F 10 -11.58 -18.61 -28.40
C GLU F 10 -12.29 -19.25 -27.19
N LEU F 11 -12.79 -18.41 -26.30
CA LEU F 11 -13.47 -18.87 -25.10
C LEU F 11 -14.92 -19.26 -25.40
N GLU F 12 -15.45 -18.78 -26.54
CA GLU F 12 -16.81 -19.11 -26.98
C GLU F 12 -16.91 -20.58 -27.37
N ARG F 13 -15.86 -21.35 -27.06
CA ARG F 13 -15.79 -22.78 -27.33
C ARG F 13 -16.02 -23.58 -26.06
#